data_8STL
#
_entry.id   8STL
#
_cell.length_a   60.607
_cell.length_b   59.383
_cell.length_c   70.702
_cell.angle_alpha   90.00
_cell.angle_beta   111.06
_cell.angle_gamma   90.00
#
_symmetry.space_group_name_H-M   'P 1 21 1'
#
loop_
_entity.id
_entity.type
_entity.pdbx_description
1 polymer 'Nanobody PIK3_Nb16'
2 non-polymer 'SULFATE ION'
3 water water
#
_entity_poly.entity_id   1
_entity_poly.type   'polypeptide(L)'
_entity_poly.pdbx_seq_one_letter_code
;MAQVQLQESGGGLVQAGGSLKLSCTASGLRVDTHGMGWFRQIARKKREFVASIDWEGESTNYLDSVKGRFIISRDDAKNT
LYLQMNSLKPEDTAVYYCAADRSGRIRSVVSNNDYWGQGTQVTVSSGRYPYDVPDYGSGRA
;
_entity_poly.pdbx_strand_id   C,B,A,D
#
loop_
_chem_comp.id
_chem_comp.type
_chem_comp.name
_chem_comp.formula
SO4 non-polymer 'SULFATE ION' 'O4 S -2'
#
# COMPACT_ATOMS: atom_id res chain seq x y z
N GLN A 3 2.00 -24.37 5.08
CA GLN A 3 1.41 -25.33 4.09
C GLN A 3 0.21 -24.70 3.38
N VAL A 4 -0.14 -23.44 3.66
CA VAL A 4 -1.29 -22.77 2.98
C VAL A 4 -0.97 -22.66 1.49
N GLN A 5 -1.89 -23.08 0.62
CA GLN A 5 -1.77 -22.92 -0.84
C GLN A 5 -2.99 -22.16 -1.33
N LEU A 6 -2.70 -21.15 -2.06
CA LEU A 6 -3.79 -20.51 -2.81
C LEU A 6 -3.50 -20.77 -4.30
N GLN A 7 -4.45 -21.35 -5.00
CA GLN A 7 -4.19 -21.72 -6.41
C GLN A 7 -5.15 -21.00 -7.33
N GLU A 8 -4.64 -20.06 -8.10
CA GLU A 8 -5.44 -19.35 -9.11
C GLU A 8 -5.58 -20.21 -10.36
N SER A 9 -6.73 -20.10 -11.03
CA SER A 9 -7.01 -20.67 -12.38
C SER A 9 -8.10 -19.82 -13.04
N GLY A 10 -8.36 -20.08 -14.33
CA GLY A 10 -9.46 -19.48 -15.10
C GLY A 10 -8.99 -18.30 -15.95
N GLY A 11 -7.69 -18.01 -15.93
CA GLY A 11 -7.08 -16.93 -16.72
C GLY A 11 -7.09 -17.31 -18.19
N GLY A 12 -6.61 -16.46 -19.08
CA GLY A 12 -6.57 -16.79 -20.50
C GLY A 12 -6.48 -15.56 -21.34
N LEU A 13 -6.56 -15.77 -22.65
CA LEU A 13 -6.58 -14.71 -23.68
C LEU A 13 -8.04 -14.49 -24.07
N VAL A 14 -8.53 -13.26 -23.97
CA VAL A 14 -9.95 -12.94 -24.28
C VAL A 14 -10.01 -11.64 -25.08
N GLN A 15 -11.02 -11.48 -25.94
CA GLN A 15 -11.24 -10.22 -26.70
C GLN A 15 -11.87 -9.17 -25.79
N ALA A 16 -11.48 -7.90 -25.99
CA ALA A 16 -12.10 -6.73 -25.35
C ALA A 16 -13.62 -6.92 -25.34
N GLY A 17 -14.28 -6.62 -24.21
CA GLY A 17 -15.73 -6.78 -24.07
C GLY A 17 -16.10 -8.16 -23.57
N GLY A 18 -15.17 -9.12 -23.63
CA GLY A 18 -15.44 -10.48 -23.14
C GLY A 18 -15.42 -10.56 -21.62
N SER A 19 -15.57 -11.77 -21.12
CA SER A 19 -15.70 -12.12 -19.69
C SER A 19 -14.79 -13.32 -19.41
N LEU A 20 -14.28 -13.40 -18.19
CA LEU A 20 -13.56 -14.56 -17.62
C LEU A 20 -13.96 -14.64 -16.15
N LYS A 21 -13.95 -15.84 -15.61
CA LYS A 21 -14.15 -16.07 -14.16
C LYS A 21 -12.90 -16.74 -13.58
N LEU A 22 -12.26 -16.04 -12.73
CA LEU A 22 -11.05 -16.62 -12.10
C LEU A 22 -11.49 -17.46 -10.90
N SER A 23 -10.73 -18.42 -10.49
CA SER A 23 -10.92 -19.27 -9.29
C SER A 23 -9.64 -19.23 -8.46
N CYS A 24 -9.80 -19.24 -7.14
CA CYS A 24 -8.68 -19.36 -6.17
C CYS A 24 -9.07 -20.44 -5.16
N THR A 25 -8.52 -21.65 -5.34
CA THR A 25 -8.79 -22.83 -4.49
C THR A 25 -7.77 -22.81 -3.35
N ALA A 26 -8.24 -22.66 -2.10
CA ALA A 26 -7.41 -22.54 -0.88
C ALA A 26 -7.28 -23.92 -0.20
N SER A 27 -6.09 -24.17 0.33
CA SER A 27 -5.68 -25.38 1.07
C SER A 27 -4.95 -24.90 2.32
N GLY A 28 -5.22 -25.49 3.48
CA GLY A 28 -4.58 -25.11 4.76
C GLY A 28 -5.19 -23.89 5.43
N LEU A 29 -6.31 -23.36 4.91
CA LEU A 29 -7.10 -22.30 5.57
C LEU A 29 -8.53 -22.39 5.07
N ARG A 30 -9.46 -21.80 5.82
CA ARG A 30 -10.88 -21.69 5.39
C ARG A 30 -11.15 -20.29 4.87
N VAL A 31 -11.83 -20.20 3.74
CA VAL A 31 -12.15 -18.89 3.10
C VAL A 31 -13.12 -18.10 4.00
N ASP A 32 -13.93 -18.78 4.83
CA ASP A 32 -14.94 -18.13 5.72
C ASP A 32 -14.29 -17.63 7.02
N THR A 33 -13.01 -17.93 7.29
CA THR A 33 -12.30 -17.38 8.49
C THR A 33 -11.28 -16.30 8.10
N HIS A 34 -11.10 -16.04 6.81
CA HIS A 34 -10.06 -15.10 6.32
C HIS A 34 -10.71 -13.96 5.53
N GLY A 35 -10.05 -12.80 5.51
CA GLY A 35 -10.21 -11.86 4.40
C GLY A 35 -9.59 -12.47 3.15
N MET A 36 -10.32 -12.46 2.04
CA MET A 36 -9.88 -13.00 0.74
C MET A 36 -9.95 -11.87 -0.29
N GLY A 37 -8.99 -11.83 -1.20
CA GLY A 37 -8.96 -10.77 -2.20
C GLY A 37 -8.18 -11.13 -3.43
N TRP A 38 -8.24 -10.21 -4.38
CA TRP A 38 -7.59 -10.29 -5.70
C TRP A 38 -6.76 -9.02 -5.83
N PHE A 39 -5.56 -9.18 -6.36
CA PHE A 39 -4.61 -8.11 -6.72
C PHE A 39 -4.15 -8.39 -8.14
N ARG A 40 -3.54 -7.41 -8.79
CA ARG A 40 -3.01 -7.60 -10.15
C ARG A 40 -1.72 -6.76 -10.28
N GLN A 41 -0.75 -7.34 -10.96
CA GLN A 41 0.55 -6.70 -11.27
C GLN A 41 0.38 -6.08 -12.65
N ILE A 42 -0.07 -4.83 -12.67
CA ILE A 42 -0.45 -4.10 -13.91
C ILE A 42 0.80 -3.51 -14.54
N ALA A 43 1.91 -3.41 -13.79
CA ALA A 43 3.20 -2.90 -14.29
C ALA A 43 4.32 -3.29 -13.32
N ARG A 44 5.55 -3.13 -13.78
CA ARG A 44 6.80 -3.55 -13.11
C ARG A 44 6.82 -3.16 -11.64
N LYS A 45 6.46 -1.92 -11.33
CA LYS A 45 6.65 -1.38 -9.97
C LYS A 45 5.33 -1.28 -9.20
N LYS A 46 4.25 -1.93 -9.67
CA LYS A 46 2.88 -1.71 -9.12
C LYS A 46 2.05 -3.00 -9.08
N ARG A 47 1.69 -3.47 -7.88
CA ARG A 47 0.68 -4.54 -7.72
C ARG A 47 -0.52 -3.91 -7.01
N GLU A 48 -1.65 -3.76 -7.73
CA GLU A 48 -2.79 -2.98 -7.21
C GLU A 48 -3.90 -3.90 -6.70
N PHE A 49 -4.59 -3.43 -5.69
CA PHE A 49 -5.83 -4.05 -5.15
C PHE A 49 -6.87 -4.09 -6.26
N VAL A 50 -7.59 -5.20 -6.41
CA VAL A 50 -8.71 -5.32 -7.40
C VAL A 50 -10.02 -5.46 -6.61
N ALA A 51 -10.12 -6.43 -5.71
CA ALA A 51 -11.39 -6.71 -4.99
C ALA A 51 -11.10 -7.51 -3.71
N SER A 52 -11.97 -7.37 -2.71
CA SER A 52 -11.92 -8.15 -1.45
C SER A 52 -13.32 -8.52 -0.98
N ILE A 53 -13.37 -9.55 -0.16
CA ILE A 53 -14.59 -9.99 0.54
C ILE A 53 -14.14 -10.39 1.95
N ASP A 54 -14.82 -9.87 2.96
CA ASP A 54 -14.40 -10.06 4.37
C ASP A 54 -14.88 -11.44 4.86
N TRP A 55 -14.38 -11.89 6.01
CA TRP A 55 -14.69 -13.24 6.55
C TRP A 55 -16.20 -13.55 6.55
N GLU A 56 -17.06 -12.61 6.94
CA GLU A 56 -18.50 -12.90 7.13
C GLU A 56 -19.14 -13.10 5.74
N GLY A 57 -18.52 -12.61 4.66
CA GLY A 57 -18.93 -12.92 3.28
C GLY A 57 -19.95 -11.93 2.76
N GLU A 58 -20.13 -10.81 3.47
CA GLU A 58 -21.12 -9.75 3.17
C GLU A 58 -20.43 -8.47 2.69
N SER A 59 -19.31 -8.11 3.28
CA SER A 59 -18.67 -6.80 3.00
C SER A 59 -17.64 -7.02 1.88
N THR A 60 -17.80 -6.30 0.77
CA THR A 60 -16.88 -6.39 -0.41
C THR A 60 -16.36 -5.00 -0.73
N ASN A 61 -15.19 -4.95 -1.36
CA ASN A 61 -14.58 -3.69 -1.83
C ASN A 61 -14.00 -3.96 -3.20
N TYR A 62 -14.03 -2.93 -4.04
CA TYR A 62 -13.53 -2.97 -5.43
C TYR A 62 -12.63 -1.76 -5.67
N LEU A 63 -11.58 -1.95 -6.46
CA LEU A 63 -10.82 -0.87 -7.11
C LEU A 63 -11.80 -0.09 -7.97
N ASP A 64 -11.73 1.23 -7.90
CA ASP A 64 -12.71 2.13 -8.57
C ASP A 64 -12.82 1.72 -10.04
N SER A 65 -11.71 1.35 -10.68
CA SER A 65 -11.62 1.08 -12.13
C SER A 65 -12.30 -0.24 -12.53
N VAL A 66 -12.65 -1.11 -11.58
CA VAL A 66 -13.31 -2.41 -11.89
C VAL A 66 -14.74 -2.45 -11.30
N LYS A 67 -15.14 -1.50 -10.44
CA LYS A 67 -16.49 -1.49 -9.81
C LYS A 67 -17.55 -1.50 -10.92
N GLY A 68 -18.55 -2.37 -10.82
CA GLY A 68 -19.61 -2.47 -11.84
C GLY A 68 -19.22 -3.38 -12.98
N ARG A 69 -17.97 -3.84 -13.07
CA ARG A 69 -17.52 -4.77 -14.15
C ARG A 69 -17.16 -6.13 -13.56
N PHE A 70 -16.48 -6.13 -12.42
CA PHE A 70 -15.98 -7.32 -11.71
C PHE A 70 -16.89 -7.60 -10.50
N ILE A 71 -17.08 -8.87 -10.19
CA ILE A 71 -17.88 -9.35 -9.02
C ILE A 71 -17.05 -10.39 -8.26
N ILE A 72 -16.75 -10.12 -6.99
CA ILE A 72 -16.02 -11.11 -6.13
C ILE A 72 -17.07 -12.01 -5.46
N SER A 73 -16.80 -13.30 -5.41
CA SER A 73 -17.73 -14.25 -4.75
C SER A 73 -16.90 -15.34 -4.08
N ARG A 74 -17.58 -16.18 -3.31
CA ARG A 74 -16.87 -17.26 -2.61
C ARG A 74 -17.82 -18.43 -2.35
N ASP A 75 -17.35 -19.64 -2.55
CA ASP A 75 -18.14 -20.86 -2.20
C ASP A 75 -17.44 -21.48 -0.99
N ASP A 76 -18.02 -21.33 0.19
CA ASP A 76 -17.40 -21.78 1.47
C ASP A 76 -17.22 -23.30 1.46
N ALA A 77 -18.18 -24.05 0.92
CA ALA A 77 -18.15 -25.54 0.93
C ALA A 77 -16.97 -26.02 0.07
N LYS A 78 -16.77 -25.37 -1.08
CA LYS A 78 -15.73 -25.72 -2.07
C LYS A 78 -14.40 -25.05 -1.68
N ASN A 79 -14.46 -24.15 -0.71
CA ASN A 79 -13.32 -23.38 -0.16
C ASN A 79 -12.64 -22.65 -1.31
N THR A 80 -13.42 -21.94 -2.11
CA THR A 80 -12.97 -21.30 -3.37
C THR A 80 -13.42 -19.84 -3.42
N LEU A 81 -12.50 -18.98 -3.86
CA LEU A 81 -12.77 -17.56 -4.14
C LEU A 81 -12.87 -17.38 -5.67
N TYR A 82 -13.80 -16.53 -6.09
CA TYR A 82 -14.04 -16.29 -7.52
C TYR A 82 -13.88 -14.80 -7.80
N LEU A 83 -13.50 -14.48 -9.04
CA LEU A 83 -13.62 -13.12 -9.60
C LEU A 83 -14.25 -13.24 -10.98
N GLN A 84 -15.52 -12.85 -11.07
CA GLN A 84 -16.24 -12.69 -12.36
C GLN A 84 -15.75 -11.36 -12.93
N MET A 85 -15.10 -11.43 -14.08
CA MET A 85 -14.59 -10.25 -14.83
C MET A 85 -15.43 -10.08 -16.10
N ASN A 86 -16.22 -9.01 -16.12
CA ASN A 86 -17.05 -8.59 -17.28
C ASN A 86 -16.48 -7.31 -17.90
N SER A 87 -16.91 -7.03 -19.13
CA SER A 87 -16.53 -5.82 -19.89
C SER A 87 -15.01 -5.66 -19.85
N LEU A 88 -14.27 -6.75 -20.14
CA LEU A 88 -12.79 -6.78 -20.09
C LEU A 88 -12.23 -5.82 -21.14
N LYS A 89 -11.17 -5.10 -20.78
CA LYS A 89 -10.53 -4.15 -21.71
C LYS A 89 -9.03 -4.34 -21.66
N PRO A 90 -8.28 -3.88 -22.68
CA PRO A 90 -6.84 -4.10 -22.74
C PRO A 90 -6.10 -3.76 -21.44
N GLU A 91 -6.54 -2.71 -20.74
CA GLU A 91 -5.86 -2.20 -19.52
C GLU A 91 -6.01 -3.20 -18.36
N ASP A 92 -6.87 -4.21 -18.48
CA ASP A 92 -7.06 -5.27 -17.45
C ASP A 92 -5.97 -6.33 -17.57
N THR A 93 -5.16 -6.25 -18.62
CA THR A 93 -4.12 -7.25 -18.90
C THR A 93 -3.14 -7.26 -17.73
N ALA A 94 -2.97 -8.40 -17.07
CA ALA A 94 -2.07 -8.51 -15.90
C ALA A 94 -2.04 -9.94 -15.39
N VAL A 95 -1.08 -10.25 -14.53
CA VAL A 95 -1.13 -11.48 -13.70
C VAL A 95 -2.03 -11.14 -12.50
N TYR A 96 -3.03 -11.96 -12.24
CA TYR A 96 -3.99 -11.77 -11.11
C TYR A 96 -3.57 -12.74 -10.00
N TYR A 97 -3.57 -12.24 -8.76
CA TYR A 97 -3.11 -12.96 -7.57
C TYR A 97 -4.22 -12.98 -6.55
N CYS A 98 -4.42 -14.12 -5.91
CA CYS A 98 -5.35 -14.09 -4.77
C CYS A 98 -4.51 -14.05 -3.51
N ALA A 99 -5.12 -13.56 -2.45
CA ALA A 99 -4.48 -13.24 -1.18
C ALA A 99 -5.47 -13.59 -0.08
N ALA A 100 -4.95 -13.91 1.10
CA ALA A 100 -5.76 -14.18 2.29
C ALA A 100 -5.09 -13.56 3.50
N ASP A 101 -5.89 -13.15 4.49
CA ASP A 101 -5.40 -12.60 5.77
C ASP A 101 -6.23 -13.14 6.94
N ARG A 102 -5.55 -13.63 7.97
CA ARG A 102 -6.17 -14.19 9.20
C ARG A 102 -7.00 -13.11 9.94
N SER A 103 -6.74 -11.81 9.71
CA SER A 103 -7.47 -10.71 10.40
C SER A 103 -8.96 -10.76 10.05
N GLY A 104 -9.32 -11.40 8.94
CA GLY A 104 -10.68 -11.52 8.43
C GLY A 104 -10.99 -10.49 7.36
N ARG A 105 -10.02 -9.62 7.06
CA ARG A 105 -10.16 -8.55 6.06
C ARG A 105 -8.83 -8.33 5.36
N ILE A 106 -8.86 -8.16 4.04
CA ILE A 106 -7.64 -8.00 3.18
C ILE A 106 -6.98 -6.66 3.50
N ARG A 107 -5.63 -6.68 3.54
CA ARG A 107 -4.77 -5.49 3.74
C ARG A 107 -4.52 -4.82 2.38
N SER A 108 -4.26 -3.51 2.39
CA SER A 108 -4.20 -2.67 1.16
C SER A 108 -3.10 -3.15 0.18
N VAL A 109 -2.05 -3.79 0.69
CA VAL A 109 -0.78 -4.10 -0.05
C VAL A 109 -0.59 -5.61 0.06
N VAL A 110 -0.22 -6.30 -1.02
CA VAL A 110 -0.20 -7.79 -1.02
C VAL A 110 0.63 -8.24 0.18
N SER A 111 1.82 -7.65 0.34
CA SER A 111 2.84 -8.13 1.31
C SER A 111 2.42 -7.82 2.76
N ASN A 112 1.32 -7.10 3.00
CA ASN A 112 0.73 -6.96 4.36
C ASN A 112 -0.29 -8.07 4.64
N ASN A 113 -0.59 -8.91 3.65
CA ASN A 113 -1.47 -10.10 3.81
C ASN A 113 -0.63 -11.32 4.17
N ASP A 114 -1.24 -12.24 4.92
CA ASP A 114 -0.58 -13.49 5.40
C ASP A 114 -0.14 -14.34 4.21
N TYR A 115 -0.96 -14.48 3.18
CA TYR A 115 -0.79 -15.46 2.07
C TYR A 115 -1.10 -14.82 0.72
N TRP A 116 -0.34 -15.15 -0.32
CA TRP A 116 -0.69 -14.83 -1.73
C TRP A 116 -0.28 -16.00 -2.62
N GLY A 117 -0.98 -16.14 -3.74
CA GLY A 117 -0.74 -17.23 -4.70
C GLY A 117 0.28 -16.83 -5.76
N GLN A 118 0.53 -17.73 -6.69
CA GLN A 118 1.60 -17.65 -7.72
C GLN A 118 1.07 -16.83 -8.91
N GLY A 119 -0.25 -16.67 -9.00
CA GLY A 119 -0.89 -15.79 -10.00
C GLY A 119 -1.36 -16.54 -11.25
N THR A 120 -2.30 -15.96 -11.97
CA THR A 120 -2.80 -16.47 -13.27
C THR A 120 -2.82 -15.30 -14.26
N GLN A 121 -2.38 -15.54 -15.49
CA GLN A 121 -2.27 -14.48 -16.55
C GLN A 121 -3.65 -14.25 -17.15
N VAL A 122 -4.06 -12.97 -17.14
CA VAL A 122 -5.26 -12.51 -17.90
C VAL A 122 -4.78 -11.53 -18.97
N THR A 123 -5.04 -11.85 -20.23
CA THR A 123 -4.62 -10.99 -21.36
C THR A 123 -5.85 -10.63 -22.19
N VAL A 124 -6.06 -9.34 -22.38
CA VAL A 124 -7.25 -8.84 -23.10
C VAL A 124 -6.77 -8.12 -24.35
N SER A 125 -7.12 -8.68 -25.50
CA SER A 125 -6.78 -8.12 -26.83
C SER A 125 -7.86 -7.14 -27.29
N SER A 126 -7.68 -6.54 -28.48
CA SER A 126 -8.73 -5.78 -29.21
C SER A 126 -9.95 -6.67 -29.49
N GLN B 3 -3.46 -0.08 -24.96
CA GLN B 3 -2.21 -0.12 -25.82
C GLN B 3 -1.08 0.62 -25.09
N VAL B 4 -1.18 1.94 -24.92
CA VAL B 4 -0.24 2.76 -24.08
C VAL B 4 -0.66 2.65 -22.61
N GLN B 5 0.31 2.38 -21.75
CA GLN B 5 0.10 2.31 -20.28
C GLN B 5 1.22 3.08 -19.59
N LEU B 6 0.76 4.00 -18.74
CA LEU B 6 1.77 4.69 -17.93
C LEU B 6 1.44 4.36 -16.47
N GLN B 7 2.33 4.20 -15.61
CA GLN B 7 2.04 3.80 -14.21
C GLN B 7 3.05 4.47 -13.27
N GLU B 8 2.51 5.31 -12.38
CA GLU B 8 3.30 6.02 -11.32
C GLU B 8 3.48 5.11 -10.12
N SER B 9 4.61 5.28 -9.41
CA SER B 9 4.85 4.67 -8.08
C SER B 9 5.83 5.57 -7.34
N GLY B 10 6.06 5.32 -6.05
CA GLY B 10 7.08 6.03 -5.27
C GLY B 10 6.48 7.07 -4.35
N GLY B 11 5.16 7.28 -4.41
CA GLY B 11 4.43 8.22 -3.54
C GLY B 11 4.54 7.90 -2.04
N GLY B 12 4.13 8.82 -1.18
CA GLY B 12 4.10 8.53 0.26
C GLY B 12 3.93 9.79 1.08
N LEU B 13 4.00 9.60 2.39
CA LEU B 13 3.89 10.68 3.40
C LEU B 13 5.32 11.02 3.82
N VAL B 14 5.71 12.27 3.73
CA VAL B 14 7.12 12.68 4.02
C VAL B 14 7.07 13.95 4.85
N GLN B 15 8.05 14.14 5.74
CA GLN B 15 8.19 15.40 6.53
C GLN B 15 8.72 16.50 5.61
N ALA B 16 8.31 17.75 5.86
CA ALA B 16 8.84 18.97 5.20
C ALA B 16 10.36 18.90 5.22
N GLY B 17 11.02 19.26 4.10
CA GLY B 17 12.49 19.21 3.96
C GLY B 17 12.97 17.86 3.47
N GLY B 18 12.12 16.84 3.51
CA GLY B 18 12.46 15.50 3.02
C GLY B 18 12.37 15.43 1.50
N SER B 19 12.57 14.25 0.96
CA SER B 19 12.71 14.02 -0.49
C SER B 19 12.01 12.70 -0.85
N LEU B 20 11.49 12.62 -2.08
CA LEU B 20 10.93 11.38 -2.67
C LEU B 20 11.40 11.31 -4.13
N LYS B 21 11.52 10.11 -4.67
CA LYS B 21 11.66 9.88 -6.12
C LYS B 21 10.41 9.17 -6.63
N LEU B 22 9.69 9.77 -7.55
CA LEU B 22 8.59 9.09 -8.27
C LEU B 22 9.12 8.38 -9.52
N SER B 23 8.52 7.24 -9.84
CA SER B 23 8.75 6.47 -11.08
C SER B 23 7.46 6.44 -11.90
N CYS B 24 7.63 6.49 -13.21
CA CYS B 24 6.54 6.31 -14.19
C CYS B 24 6.99 5.33 -15.28
N THR B 25 6.50 4.10 -15.23
CA THR B 25 6.84 3.06 -16.23
C THR B 25 5.94 3.26 -17.45
N ALA B 26 6.48 3.06 -18.65
CA ALA B 26 5.73 3.23 -19.91
C ALA B 26 5.74 1.90 -20.65
N SER B 27 4.57 1.52 -21.15
CA SER B 27 4.41 0.33 -22.02
C SER B 27 3.59 0.77 -23.22
N GLY B 28 3.95 0.32 -24.42
CA GLY B 28 3.23 0.67 -25.66
C GLY B 28 3.73 1.97 -26.26
N LEU B 29 4.73 2.60 -25.65
CA LEU B 29 5.51 3.70 -26.26
C LEU B 29 6.94 3.66 -25.73
N ARG B 30 7.80 4.39 -26.42
CA ARG B 30 9.21 4.59 -26.02
C ARG B 30 9.30 5.98 -25.37
N VAL B 31 9.91 6.07 -24.19
CA VAL B 31 10.07 7.37 -23.46
C VAL B 31 10.91 8.32 -24.34
N ASP B 32 11.74 7.79 -25.22
CA ASP B 32 12.68 8.63 -26.02
C ASP B 32 12.01 9.17 -27.30
N THR B 33 10.76 8.81 -27.63
CA THR B 33 10.04 9.32 -28.83
C THR B 33 8.92 10.29 -28.45
N HIS B 34 8.72 10.55 -27.16
CA HIS B 34 7.54 11.28 -26.64
C HIS B 34 8.00 12.44 -25.76
N GLY B 35 7.20 13.51 -25.76
CA GLY B 35 7.22 14.52 -24.70
C GLY B 35 6.72 13.85 -23.45
N MET B 36 7.44 13.95 -22.34
CA MET B 36 6.93 13.34 -21.09
C MET B 36 7.02 14.36 -19.98
N GLY B 37 6.15 14.21 -18.99
CA GLY B 37 6.09 15.20 -17.93
C GLY B 37 5.30 14.75 -16.74
N TRP B 38 5.28 15.61 -15.75
CA TRP B 38 4.58 15.39 -14.46
C TRP B 38 3.67 16.59 -14.26
N PHE B 39 2.46 16.30 -13.77
CA PHE B 39 1.39 17.24 -13.41
C PHE B 39 0.99 16.89 -11.99
N ARG B 40 0.35 17.83 -11.30
CA ARG B 40 -0.15 17.58 -9.94
C ARG B 40 -1.53 18.21 -9.76
N GLN B 41 -2.39 17.53 -9.01
CA GLN B 41 -3.75 18.01 -8.67
C GLN B 41 -3.76 18.30 -7.16
N ILE B 42 -3.69 19.58 -6.80
CA ILE B 42 -3.81 20.06 -5.39
C ILE B 42 -5.31 20.10 -5.06
N ALA B 43 -5.72 19.39 -4.01
CA ALA B 43 -7.12 19.34 -3.51
C ALA B 43 -8.07 19.13 -4.71
N ARG B 44 -9.07 19.99 -4.92
CA ARG B 44 -10.09 19.82 -5.99
C ARG B 44 -9.81 20.74 -7.19
N LYS B 45 -8.62 21.36 -7.24
CA LYS B 45 -8.19 22.27 -8.33
C LYS B 45 -7.91 21.47 -9.62
N LYS B 46 -7.79 22.16 -10.73
CA LYS B 46 -7.42 21.49 -12.01
C LYS B 46 -5.96 21.03 -12.00
N ARG B 47 -5.65 19.92 -12.65
CA ARG B 47 -4.26 19.41 -12.78
C ARG B 47 -3.36 20.55 -13.26
N GLU B 48 -2.21 20.75 -12.61
CA GLU B 48 -1.29 21.85 -13.00
C GLU B 48 0.06 21.27 -13.43
N PHE B 49 0.71 21.87 -14.42
CA PHE B 49 2.03 21.44 -14.93
C PHE B 49 3.06 21.50 -13.79
N VAL B 50 3.93 20.48 -13.69
CA VAL B 50 5.09 20.45 -12.74
C VAL B 50 6.42 20.45 -13.50
N ALA B 51 6.66 19.49 -14.40
CA ALA B 51 7.97 19.28 -15.08
C ALA B 51 7.77 18.57 -16.41
N SER B 52 8.64 18.87 -17.39
CA SER B 52 8.57 18.20 -18.69
C SER B 52 9.98 17.94 -19.20
N ILE B 53 10.09 16.97 -20.08
CA ILE B 53 11.36 16.63 -20.79
C ILE B 53 10.96 16.32 -22.23
N ASP B 54 11.66 16.90 -23.20
CA ASP B 54 11.35 16.75 -24.65
C ASP B 54 11.84 15.39 -25.11
N TRP B 55 11.35 14.91 -26.24
CA TRP B 55 11.79 13.65 -26.89
C TRP B 55 13.33 13.57 -26.85
N GLU B 56 14.03 14.69 -27.08
CA GLU B 56 15.51 14.67 -27.27
C GLU B 56 16.20 14.35 -25.94
N GLY B 57 15.58 14.68 -24.81
CA GLY B 57 16.10 14.37 -23.46
C GLY B 57 16.97 15.49 -22.94
N GLU B 58 17.05 16.60 -23.68
CA GLU B 58 17.95 17.74 -23.36
C GLU B 58 17.14 18.92 -22.81
N SER B 59 15.96 19.18 -23.35
CA SER B 59 15.13 20.36 -22.97
C SER B 59 14.19 19.97 -21.82
N THR B 60 14.42 20.52 -20.62
CA THR B 60 13.55 20.31 -19.44
C THR B 60 12.94 21.66 -19.07
N ASN B 61 11.71 21.63 -18.56
CA ASN B 61 10.99 22.82 -18.04
C ASN B 61 10.29 22.46 -16.74
N TYR B 62 10.04 23.45 -15.89
CA TYR B 62 9.55 23.28 -14.49
C TYR B 62 8.59 24.43 -14.14
N LEU B 63 7.53 24.10 -13.40
CA LEU B 63 6.77 25.10 -12.62
C LEU B 63 7.74 25.93 -11.76
N ASP B 64 7.53 27.25 -11.65
CA ASP B 64 8.47 28.18 -10.96
C ASP B 64 8.67 27.74 -9.50
N SER B 65 7.60 27.31 -8.84
CA SER B 65 7.65 27.00 -7.38
C SER B 65 8.46 25.72 -7.09
N VAL B 66 8.83 24.92 -8.08
CA VAL B 66 9.61 23.67 -7.88
C VAL B 66 10.98 23.74 -8.60
N LYS B 67 11.18 24.76 -9.43
CA LYS B 67 12.44 24.93 -10.20
C LYS B 67 13.63 24.89 -9.23
N GLY B 68 14.61 24.04 -9.52
CA GLY B 68 15.85 23.94 -8.72
C GLY B 68 15.80 22.90 -7.61
N ARG B 69 14.62 22.37 -7.26
CA ARG B 69 14.39 21.38 -6.17
C ARG B 69 13.89 20.04 -6.74
N PHE B 70 13.08 20.08 -7.80
CA PHE B 70 12.55 18.87 -8.48
C PHE B 70 13.35 18.68 -9.77
N ILE B 71 13.72 17.46 -10.09
CA ILE B 71 14.54 17.12 -11.28
C ILE B 71 13.86 15.99 -12.03
N ILE B 72 13.45 16.27 -13.26
CA ILE B 72 12.86 15.23 -14.14
C ILE B 72 14.00 14.55 -14.89
N SER B 73 13.91 13.23 -15.03
CA SER B 73 14.86 12.40 -15.81
C SER B 73 14.15 11.18 -16.41
N ARG B 74 14.82 10.48 -17.31
CA ARG B 74 14.33 9.19 -17.85
C ARG B 74 15.49 8.21 -17.99
N ASP B 75 15.13 6.94 -17.98
CA ASP B 75 16.04 5.81 -18.30
C ASP B 75 15.45 5.14 -19.54
N ASP B 76 16.07 5.35 -20.70
CA ASP B 76 15.58 4.79 -21.99
C ASP B 76 15.53 3.25 -21.88
N ALA B 77 16.55 2.66 -21.26
CA ALA B 77 16.73 1.18 -21.13
C ALA B 77 15.57 0.57 -20.36
N LYS B 78 15.16 1.19 -19.26
CA LYS B 78 14.04 0.72 -18.39
C LYS B 78 12.71 1.33 -18.88
N ASN B 79 12.73 2.19 -19.91
CA ASN B 79 11.52 2.87 -20.43
C ASN B 79 10.73 3.49 -19.26
N THR B 80 11.41 4.24 -18.41
CA THR B 80 10.84 4.78 -17.16
C THR B 80 11.21 6.25 -17.02
N LEU B 81 10.22 7.08 -16.66
CA LEU B 81 10.36 8.51 -16.31
C LEU B 81 10.42 8.63 -14.79
N TYR B 82 11.17 9.61 -14.28
CA TYR B 82 11.34 9.86 -12.84
C TYR B 82 11.08 11.32 -12.52
N LEU B 83 10.69 11.58 -11.27
CA LEU B 83 10.66 12.94 -10.70
C LEU B 83 11.35 12.87 -9.35
N GLN B 84 12.55 13.45 -9.29
CA GLN B 84 13.29 13.54 -8.01
C GLN B 84 12.82 14.82 -7.33
N MET B 85 12.22 14.65 -6.17
CA MET B 85 11.55 15.74 -5.41
C MET B 85 12.40 15.99 -4.16
N ASN B 86 13.14 17.10 -4.13
CA ASN B 86 14.01 17.49 -3.01
C ASN B 86 13.35 18.60 -2.19
N SER B 87 13.68 18.67 -0.91
CA SER B 87 13.34 19.82 -0.04
C SER B 87 11.83 20.05 -0.15
N LEU B 88 11.08 19.00 0.11
CA LEU B 88 9.61 19.00 -0.08
C LEU B 88 8.98 19.96 0.91
N LYS B 89 7.92 20.65 0.46
CA LYS B 89 7.18 21.67 1.22
C LYS B 89 5.75 21.19 1.37
N PRO B 90 5.03 21.55 2.46
CA PRO B 90 3.62 21.17 2.60
C PRO B 90 2.76 21.47 1.37
N GLU B 91 3.00 22.62 0.73
CA GLU B 91 2.22 23.09 -0.45
C GLU B 91 2.53 22.22 -1.70
N ASP B 92 3.48 21.28 -1.61
CA ASP B 92 3.72 20.27 -2.69
C ASP B 92 2.74 19.09 -2.53
N THR B 93 1.91 19.08 -1.48
CA THR B 93 0.96 17.97 -1.22
C THR B 93 0.00 17.87 -2.40
N ALA B 94 -0.13 16.70 -3.03
CA ALA B 94 -0.94 16.57 -4.26
C ALA B 94 -0.89 15.14 -4.81
N VAL B 95 -1.77 14.87 -5.77
CA VAL B 95 -1.66 13.65 -6.61
C VAL B 95 -0.74 14.00 -7.77
N TYR B 96 0.33 13.23 -7.95
CA TYR B 96 1.29 13.47 -9.06
C TYR B 96 0.93 12.50 -10.18
N TYR B 97 0.71 13.03 -11.40
CA TYR B 97 0.38 12.22 -12.60
C TYR B 97 1.50 12.38 -13.63
N CYS B 98 1.93 11.28 -14.24
CA CYS B 98 2.83 11.37 -15.41
C CYS B 98 1.99 11.44 -16.70
N ALA B 99 2.53 12.10 -17.70
CA ALA B 99 1.85 12.22 -19.01
C ALA B 99 2.88 12.03 -20.12
N ALA B 100 2.42 11.70 -21.33
CA ALA B 100 3.26 11.59 -22.53
C ALA B 100 2.48 12.14 -23.73
N ASP B 101 3.19 12.64 -24.73
CA ASP B 101 2.58 13.20 -25.98
C ASP B 101 3.45 12.81 -27.18
N ARG B 102 2.82 12.28 -28.23
CA ARG B 102 3.58 11.74 -29.40
C ARG B 102 4.11 12.92 -30.23
N SER B 103 3.74 14.17 -29.90
CA SER B 103 4.30 15.35 -30.58
C SER B 103 5.82 15.45 -30.34
N GLY B 104 6.31 14.96 -29.19
CA GLY B 104 7.71 15.07 -28.76
C GLY B 104 7.88 16.12 -27.67
N ARG B 105 6.81 16.86 -27.37
CA ARG B 105 6.77 17.93 -26.35
C ARG B 105 5.43 17.86 -25.60
N ILE B 106 5.48 17.91 -24.27
CA ILE B 106 4.27 18.08 -23.43
C ILE B 106 3.52 19.32 -23.94
N ARG B 107 2.20 19.20 -24.04
CA ARG B 107 1.33 20.26 -24.59
C ARG B 107 1.02 21.26 -23.48
N SER B 108 1.03 22.55 -23.84
CA SER B 108 0.62 23.71 -23.00
C SER B 108 -0.80 23.48 -22.48
N VAL B 109 -1.73 23.14 -23.37
CA VAL B 109 -3.15 22.79 -23.02
C VAL B 109 -3.14 21.40 -22.38
N VAL B 110 -3.39 21.33 -21.07
CA VAL B 110 -3.19 20.10 -20.25
C VAL B 110 -3.93 18.91 -20.92
N SER B 111 -5.24 19.06 -21.16
CA SER B 111 -6.11 17.97 -21.68
C SER B 111 -5.69 17.56 -23.10
N ASN B 112 -4.81 18.34 -23.73
CA ASN B 112 -4.32 18.13 -25.11
C ASN B 112 -3.16 17.11 -25.13
N ASN B 113 -2.68 16.65 -23.97
CA ASN B 113 -1.67 15.57 -23.89
C ASN B 113 -2.36 14.23 -24.15
N ASP B 114 -1.72 13.38 -24.94
CA ASP B 114 -2.29 12.09 -25.43
C ASP B 114 -2.50 11.09 -24.29
N TYR B 115 -1.52 10.91 -23.39
CA TYR B 115 -1.54 9.77 -22.44
C TYR B 115 -1.33 10.23 -20.99
N TRP B 116 -2.03 9.59 -20.08
CA TRP B 116 -2.05 9.90 -18.63
C TRP B 116 -1.85 8.63 -17.82
N GLY B 117 -1.11 8.74 -16.70
CA GLY B 117 -1.04 7.71 -15.65
C GLY B 117 -2.26 7.80 -14.72
N GLN B 118 -2.25 7.06 -13.61
CA GLN B 118 -3.41 6.98 -12.69
C GLN B 118 -3.14 7.85 -11.46
N GLY B 119 -1.92 8.36 -11.32
CA GLY B 119 -1.56 9.33 -10.26
C GLY B 119 -1.04 8.63 -9.04
N THR B 120 -0.11 9.27 -8.32
CA THR B 120 0.42 8.78 -7.02
C THR B 120 0.34 9.92 -6.00
N GLN B 121 -0.15 9.64 -4.79
CA GLN B 121 -0.32 10.65 -3.73
C GLN B 121 1.03 10.94 -3.08
N VAL B 122 1.39 12.21 -3.05
CA VAL B 122 2.56 12.68 -2.27
C VAL B 122 2.01 13.66 -1.23
N THR B 123 2.24 13.40 0.05
CA THR B 123 1.72 14.24 1.15
C THR B 123 2.89 14.67 2.03
N VAL B 124 3.02 15.97 2.21
CA VAL B 124 4.18 16.57 2.92
C VAL B 124 3.66 17.13 4.23
N SER B 125 4.03 16.50 5.36
CA SER B 125 3.61 16.94 6.71
C SER B 125 4.48 18.12 7.15
N SER B 126 4.07 18.81 8.20
CA SER B 126 4.73 20.02 8.73
C SER B 126 5.90 19.63 9.64
N VAL C 4 12.95 -25.15 -4.50
CA VAL C 4 13.65 -24.04 -3.77
C VAL C 4 13.20 -24.01 -2.31
N GLN C 5 14.16 -24.08 -1.38
CA GLN C 5 13.92 -23.86 0.06
C GLN C 5 14.94 -22.84 0.57
N LEU C 6 14.44 -21.79 1.22
CA LEU C 6 15.25 -20.81 1.98
C LEU C 6 14.96 -21.03 3.47
N GLN C 7 15.96 -21.17 4.31
CA GLN C 7 15.74 -21.40 5.77
C GLN C 7 16.63 -20.46 6.57
N GLU C 8 15.99 -19.57 7.35
CA GLU C 8 16.64 -18.57 8.25
C GLU C 8 17.00 -19.26 9.55
N SER C 9 18.09 -18.83 10.17
CA SER C 9 18.42 -19.15 11.57
C SER C 9 19.19 -17.96 12.19
N GLY C 10 19.43 -18.01 13.50
CA GLY C 10 20.36 -17.09 14.19
C GLY C 10 19.64 -16.03 14.99
N GLY C 11 18.30 -16.00 14.93
CA GLY C 11 17.44 -15.08 15.69
C GLY C 11 17.50 -15.37 17.18
N GLY C 12 16.97 -14.46 17.99
CA GLY C 12 16.80 -14.71 19.42
C GLY C 12 16.45 -13.44 20.16
N LEU C 13 16.60 -13.51 21.47
CA LEU C 13 16.30 -12.43 22.43
C LEU C 13 17.62 -11.84 22.87
N VAL C 14 17.78 -10.54 22.69
CA VAL C 14 19.09 -9.83 22.86
C VAL C 14 18.79 -8.48 23.52
N GLN C 15 19.69 -7.97 24.38
CA GLN C 15 19.57 -6.58 24.91
C GLN C 15 20.05 -5.59 23.85
N ALA C 16 19.45 -4.40 23.85
CA ALA C 16 19.81 -3.22 23.03
C ALA C 16 21.32 -2.97 23.10
N GLY C 17 21.94 -2.74 21.94
CA GLY C 17 23.38 -2.56 21.78
C GLY C 17 24.12 -3.85 21.45
N GLY C 18 23.47 -5.00 21.61
CA GLY C 18 24.00 -6.32 21.18
C GLY C 18 23.90 -6.54 19.67
N SER C 19 24.37 -7.69 19.20
CA SER C 19 24.41 -8.04 17.75
C SER C 19 23.94 -9.47 17.59
N LEU C 20 23.39 -9.78 16.42
CA LEU C 20 23.05 -11.14 15.97
C LEU C 20 23.53 -11.24 14.53
N LYS C 21 23.93 -12.43 14.11
CA LYS C 21 24.19 -12.74 12.68
C LYS C 21 23.09 -13.72 12.24
N LEU C 22 22.23 -13.28 11.32
CA LEU C 22 21.22 -14.16 10.71
C LEU C 22 21.88 -14.89 9.55
N SER C 23 21.51 -16.15 9.38
CA SER C 23 21.92 -17.06 8.28
C SER C 23 20.67 -17.50 7.52
N CYS C 24 20.81 -17.62 6.21
CA CYS C 24 19.76 -18.08 5.29
C CYS C 24 20.40 -19.07 4.32
N THR C 25 20.07 -20.35 4.50
CA THR C 25 20.58 -21.48 3.70
C THR C 25 19.60 -21.64 2.53
N ALA C 26 20.13 -21.84 1.34
CA ALA C 26 19.34 -21.95 0.10
C ALA C 26 19.55 -23.36 -0.47
N SER C 27 18.45 -24.01 -0.83
CA SER C 27 18.41 -25.31 -1.54
C SER C 27 17.65 -25.08 -2.82
N GLY C 28 18.12 -25.65 -3.95
CA GLY C 28 17.39 -25.56 -5.23
C GLY C 28 17.70 -24.29 -5.99
N LEU C 29 18.60 -23.47 -5.47
CA LEU C 29 19.08 -22.23 -6.14
C LEU C 29 20.45 -21.91 -5.57
N ARG C 30 21.20 -21.08 -6.31
CA ARG C 30 22.53 -20.63 -5.92
C ARG C 30 22.43 -19.18 -5.47
N VAL C 31 23.08 -18.83 -4.37
CA VAL C 31 23.07 -17.43 -3.86
C VAL C 31 23.79 -16.51 -4.86
N ASP C 32 24.70 -17.03 -5.71
CA ASP C 32 25.53 -16.20 -6.62
C ASP C 32 24.81 -15.99 -7.97
N THR C 33 23.63 -16.57 -8.20
CA THR C 33 22.87 -16.35 -9.46
C THR C 33 21.56 -15.57 -9.21
N HIS C 34 21.24 -15.21 -7.97
CA HIS C 34 19.93 -14.59 -7.60
C HIS C 34 20.16 -13.27 -6.88
N GLY C 35 19.19 -12.36 -7.01
CA GLY C 35 19.02 -11.24 -6.09
C GLY C 35 18.52 -11.80 -4.76
N MET C 36 19.16 -11.44 -3.66
CA MET C 36 18.81 -11.99 -2.34
C MET C 36 18.67 -10.83 -1.36
N GLY C 37 17.74 -10.94 -0.43
CA GLY C 37 17.55 -9.90 0.58
C GLY C 37 16.91 -10.37 1.86
N TRP C 38 16.78 -9.42 2.77
CA TRP C 38 16.16 -9.57 4.10
C TRP C 38 15.04 -8.57 4.19
N PHE C 39 13.95 -9.03 4.75
CA PHE C 39 12.69 -8.29 4.98
C PHE C 39 12.30 -8.53 6.43
N ARG C 40 11.47 -7.65 7.00
CA ARG C 40 11.08 -7.88 8.40
C ARG C 40 9.60 -7.54 8.64
N GLN C 41 9.01 -8.35 9.51
CA GLN C 41 7.59 -8.31 9.94
C GLN C 41 7.52 -7.58 11.29
N ILE C 42 7.11 -6.31 11.30
CA ILE C 42 6.99 -5.48 12.54
C ILE C 42 5.51 -5.21 12.85
N LYS C 46 4.61 -7.85 8.82
CA LYS C 46 4.50 -7.39 7.40
C LYS C 46 5.74 -7.88 6.65
N ARG C 47 6.15 -7.16 5.61
CA ARG C 47 7.44 -7.40 4.91
C ARG C 47 8.06 -6.05 4.52
N GLU C 48 8.60 -5.31 5.50
CA GLU C 48 9.42 -4.08 5.30
C GLU C 48 10.76 -4.54 4.69
N PHE C 49 11.24 -3.88 3.64
CA PHE C 49 12.59 -4.15 3.06
C PHE C 49 13.65 -3.84 4.13
N VAL C 50 14.67 -4.69 4.28
CA VAL C 50 15.81 -4.42 5.22
C VAL C 50 17.10 -4.25 4.43
N ALA C 51 17.46 -5.26 3.63
CA ALA C 51 18.74 -5.29 2.89
C ALA C 51 18.63 -6.19 1.67
N SER C 52 19.45 -5.90 0.67
CA SER C 52 19.55 -6.74 -0.55
C SER C 52 20.98 -6.70 -1.08
N ILE C 53 21.29 -7.74 -1.83
CA ILE C 53 22.57 -7.93 -2.56
C ILE C 53 22.22 -8.52 -3.94
N ASP C 54 22.80 -7.97 -5.00
CA ASP C 54 22.55 -8.42 -6.39
C ASP C 54 23.36 -9.69 -6.65
N TRP C 55 23.04 -10.41 -7.73
CA TRP C 55 23.75 -11.66 -8.13
C TRP C 55 25.25 -11.45 -8.08
N GLU C 56 25.73 -10.32 -8.58
CA GLU C 56 27.19 -10.07 -8.72
C GLU C 56 27.85 -9.90 -7.34
N GLY C 57 27.10 -9.56 -6.31
CA GLY C 57 27.61 -9.36 -4.93
C GLY C 57 28.29 -8.02 -4.75
N GLU C 58 28.00 -7.06 -5.64
CA GLU C 58 28.62 -5.71 -5.67
C GLU C 58 27.62 -4.64 -5.24
N SER C 59 26.34 -4.82 -5.57
CA SER C 59 25.29 -3.82 -5.30
C SER C 59 24.51 -4.23 -4.04
N THR C 60 24.65 -3.47 -2.95
CA THR C 60 23.92 -3.69 -1.69
C THR C 60 23.06 -2.45 -1.47
N ASN C 61 21.87 -2.64 -0.90
CA ASN C 61 20.89 -1.57 -0.59
C ASN C 61 20.34 -1.85 0.81
N TYR C 62 20.01 -0.80 1.55
CA TYR C 62 19.57 -0.99 2.95
C TYR C 62 18.43 -0.04 3.30
N LEU C 63 17.56 -0.45 4.22
CA LEU C 63 16.52 0.45 4.76
C LEU C 63 17.28 1.59 5.43
N ASP C 64 16.79 2.81 5.25
CA ASP C 64 17.53 4.01 5.77
C ASP C 64 17.85 3.81 7.25
N SER C 65 16.91 3.26 8.03
CA SER C 65 16.99 3.13 9.51
C SER C 65 18.02 2.07 9.96
N VAL C 66 18.52 1.21 9.07
CA VAL C 66 19.48 0.14 9.45
C VAL C 66 20.83 0.40 8.78
N LYS C 67 20.91 1.36 7.87
CA LYS C 67 22.15 1.63 7.12
C LYS C 67 23.25 1.93 8.15
N GLY C 68 24.41 1.29 8.02
CA GLY C 68 25.55 1.38 8.96
C GLY C 68 25.53 0.23 9.95
N ARG C 69 24.39 0.01 10.58
CA ARG C 69 24.23 -0.96 11.71
C ARG C 69 24.17 -2.39 11.16
N PHE C 70 23.37 -2.63 10.13
CA PHE C 70 23.19 -3.96 9.50
C PHE C 70 24.05 -4.06 8.25
N ILE C 71 24.62 -5.26 8.02
CA ILE C 71 25.49 -5.56 6.86
C ILE C 71 25.05 -6.87 6.22
N ILE C 72 24.68 -6.80 4.94
CA ILE C 72 24.30 -8.01 4.17
C ILE C 72 25.56 -8.58 3.52
N SER C 73 25.69 -9.89 3.48
CA SER C 73 26.84 -10.60 2.88
C SER C 73 26.39 -12.00 2.49
N ARG C 74 27.22 -12.75 1.75
CA ARG C 74 26.91 -14.15 1.40
C ARG C 74 28.21 -14.97 1.29
N ASP C 75 28.08 -16.28 1.44
CA ASP C 75 29.17 -17.26 1.21
C ASP C 75 28.71 -18.13 0.05
N ASP C 76 29.29 -17.91 -1.14
CA ASP C 76 28.99 -18.66 -2.39
C ASP C 76 29.25 -20.15 -2.14
N ALA C 77 30.42 -20.51 -1.57
CA ALA C 77 30.84 -21.92 -1.48
C ALA C 77 29.84 -22.69 -0.61
N LYS C 78 29.33 -22.03 0.44
CA LYS C 78 28.39 -22.67 1.41
C LYS C 78 26.95 -22.30 1.02
N ASN C 79 26.77 -21.50 -0.02
CA ASN C 79 25.42 -21.15 -0.53
C ASN C 79 24.57 -20.57 0.59
N THR C 80 25.16 -19.63 1.32
CA THR C 80 24.51 -19.03 2.51
C THR C 80 24.55 -17.51 2.40
N LEU C 81 23.43 -16.88 2.80
CA LEU C 81 23.23 -15.42 2.88
C LEU C 81 23.28 -15.05 4.35
N TYR C 82 23.85 -13.89 4.68
CA TYR C 82 23.97 -13.47 6.09
C TYR C 82 23.37 -12.09 6.25
N LEU C 83 22.85 -11.81 7.45
CA LEU C 83 22.63 -10.44 7.92
C LEU C 83 23.34 -10.27 9.27
N GLN C 84 24.36 -9.42 9.28
CA GLN C 84 25.07 -9.01 10.51
C GLN C 84 24.31 -7.82 11.11
N MET C 85 23.64 -8.03 12.26
CA MET C 85 22.83 -6.99 12.91
C MET C 85 23.58 -6.47 14.14
N ASN C 86 24.11 -5.26 14.03
CA ASN C 86 24.93 -4.59 15.07
C ASN C 86 24.10 -3.47 15.67
N SER C 87 24.49 -2.99 16.85
CA SER C 87 23.88 -1.85 17.55
C SER C 87 22.35 -2.04 17.56
N LEU C 88 21.89 -3.25 17.91
CA LEU C 88 20.44 -3.60 17.90
C LEU C 88 19.66 -2.64 18.83
N LYS C 89 18.47 -2.27 18.39
CA LYS C 89 17.54 -1.37 19.10
C LYS C 89 16.21 -2.09 19.26
N PRO C 90 15.42 -1.74 20.30
CA PRO C 90 14.08 -2.29 20.49
C PRO C 90 13.22 -2.25 19.23
N GLU C 91 13.32 -1.15 18.49
CA GLU C 91 12.54 -0.95 17.24
C GLU C 91 12.94 -1.98 16.17
N ASP C 92 14.02 -2.75 16.35
CA ASP C 92 14.46 -3.78 15.36
C ASP C 92 13.74 -5.10 15.63
N THR C 93 12.90 -5.14 16.67
CA THR C 93 12.12 -6.32 17.10
C THR C 93 11.19 -6.69 15.93
N ALA C 94 11.31 -7.90 15.38
CA ALA C 94 10.54 -8.33 14.21
C ALA C 94 10.83 -9.78 13.84
N VAL C 95 9.97 -10.39 13.02
CA VAL C 95 10.32 -11.64 12.29
C VAL C 95 11.13 -11.20 11.08
N TYR C 96 12.35 -11.72 10.93
CA TYR C 96 13.20 -11.51 9.73
C TYR C 96 13.02 -12.68 8.75
N TYR C 97 12.85 -12.34 7.47
CA TYR C 97 12.75 -13.32 6.35
C TYR C 97 13.86 -13.07 5.34
N CYS C 98 14.41 -14.14 4.80
CA CYS C 98 15.23 -14.03 3.58
C CYS C 98 14.35 -14.30 2.37
N ALA C 99 14.72 -13.69 1.27
CA ALA C 99 13.97 -13.76 0.00
C ALA C 99 14.98 -13.82 -1.12
N ALA C 100 14.61 -14.46 -2.22
CA ALA C 100 15.45 -14.53 -3.44
C ALA C 100 14.55 -14.34 -4.66
N ASP C 101 15.16 -13.83 -5.73
CA ASP C 101 14.56 -13.61 -7.05
C ASP C 101 15.52 -14.10 -8.14
N ARG C 102 15.01 -14.97 -9.00
CA ARG C 102 15.75 -15.51 -10.16
C ARG C 102 16.22 -14.40 -11.10
N SER C 103 15.67 -13.18 -11.04
CA SER C 103 16.10 -12.07 -11.92
C SER C 103 17.58 -11.68 -11.71
N GLY C 104 18.17 -11.99 -10.56
CA GLY C 104 19.49 -11.43 -10.19
C GLY C 104 19.38 -10.17 -9.33
N ARG C 105 18.17 -9.62 -9.15
CA ARG C 105 17.95 -8.46 -8.24
C ARG C 105 16.60 -8.57 -7.56
N ILE C 106 16.58 -8.25 -6.28
CA ILE C 106 15.35 -8.15 -5.45
C ILE C 106 14.39 -7.16 -6.12
N ARG C 107 13.12 -7.52 -6.16
CA ARG C 107 12.05 -6.72 -6.83
C ARG C 107 11.51 -5.66 -5.86
N SER C 108 11.18 -4.48 -6.38
CA SER C 108 10.65 -3.36 -5.56
C SER C 108 9.24 -3.69 -5.06
N VAL C 109 8.44 -4.42 -5.83
CA VAL C 109 7.17 -5.02 -5.32
C VAL C 109 7.56 -6.22 -4.45
N VAL C 110 7.42 -6.09 -3.14
CA VAL C 110 7.88 -7.11 -2.15
C VAL C 110 7.35 -8.47 -2.60
N SER C 111 6.04 -8.57 -2.89
CA SER C 111 5.38 -9.86 -3.23
C SER C 111 5.81 -10.36 -4.61
N ASN C 112 6.53 -9.56 -5.41
CA ASN C 112 6.97 -9.95 -6.76
C ASN C 112 8.30 -10.70 -6.67
N ASN C 113 8.84 -10.87 -5.46
CA ASN C 113 10.03 -11.71 -5.22
C ASN C 113 9.61 -13.19 -5.18
N ASP C 114 10.37 -14.04 -5.86
CA ASP C 114 10.02 -15.44 -6.24
C ASP C 114 9.95 -16.30 -4.99
N TYR C 115 10.92 -16.15 -4.08
CA TYR C 115 11.19 -17.16 -3.04
C TYR C 115 11.29 -16.53 -1.65
N TRP C 116 10.70 -17.19 -0.64
CA TRP C 116 10.63 -16.70 0.75
C TRP C 116 11.01 -17.81 1.72
N GLY C 117 11.79 -17.48 2.75
CA GLY C 117 11.93 -18.33 3.93
C GLY C 117 10.72 -18.20 4.86
N GLN C 118 10.75 -18.90 5.99
CA GLN C 118 9.60 -18.92 6.92
C GLN C 118 9.78 -17.89 8.05
N GLY C 119 10.97 -17.30 8.14
CA GLY C 119 11.21 -16.21 9.10
C GLY C 119 11.88 -16.70 10.38
N THR C 120 12.66 -15.85 11.02
CA THR C 120 13.27 -16.09 12.35
C THR C 120 12.99 -14.85 13.20
N GLN C 121 12.53 -15.04 14.44
CA GLN C 121 12.16 -13.95 15.38
C GLN C 121 13.44 -13.34 15.94
N VAL C 122 13.54 -12.01 15.89
CA VAL C 122 14.58 -11.23 16.59
C VAL C 122 13.87 -10.28 17.56
N THR C 123 14.13 -10.39 18.85
CA THR C 123 13.49 -9.48 19.84
C THR C 123 14.60 -8.79 20.62
N VAL C 124 14.58 -7.46 20.63
CA VAL C 124 15.60 -6.62 21.29
C VAL C 124 14.92 -5.94 22.48
N SER C 125 15.37 -6.27 23.69
CA SER C 125 14.87 -5.71 24.98
C SER C 125 15.65 -4.42 25.28
N SER C 126 15.19 -3.61 26.23
CA SER C 126 15.90 -2.35 26.63
C SER C 126 17.24 -2.67 27.31
N GLN D 3 -1.10 24.27 19.18
CA GLN D 3 -1.49 23.02 19.87
C GLN D 3 -2.63 22.33 19.11
N VAL D 4 -2.65 21.00 19.19
CA VAL D 4 -3.67 20.18 18.49
C VAL D 4 -4.93 20.05 19.33
N GLN D 5 -6.07 20.31 18.71
CA GLN D 5 -7.35 20.10 19.42
C GLN D 5 -8.25 19.27 18.52
N LEU D 6 -8.79 18.17 19.06
CA LEU D 6 -9.79 17.37 18.32
C LEU D 6 -11.11 17.60 19.04
N GLN D 7 -12.12 18.14 18.35
CA GLN D 7 -13.40 18.48 19.02
C GLN D 7 -14.55 17.73 18.36
N GLU D 8 -15.12 16.78 19.09
CA GLU D 8 -16.27 16.01 18.56
C GLU D 8 -17.58 16.78 18.80
N SER D 9 -18.55 16.61 17.92
CA SER D 9 -19.92 17.17 18.12
C SER D 9 -20.89 16.24 17.40
N GLY D 10 -22.19 16.43 17.67
CA GLY D 10 -23.30 15.76 16.95
C GLY D 10 -23.87 14.58 17.71
N GLY D 11 -23.36 14.30 18.91
CA GLY D 11 -23.92 13.27 19.80
C GLY D 11 -25.36 13.57 20.19
N GLY D 12 -26.07 12.57 20.68
CA GLY D 12 -27.46 12.74 21.14
C GLY D 12 -28.09 11.44 21.59
N LEU D 13 -29.32 11.55 22.06
CA LEU D 13 -30.23 10.41 22.31
C LEU D 13 -30.99 10.17 21.01
N VAL D 14 -30.91 8.96 20.48
CA VAL D 14 -31.57 8.59 19.19
C VAL D 14 -32.24 7.22 19.34
N GLN D 15 -33.25 6.94 18.53
CA GLN D 15 -33.99 5.66 18.57
C GLN D 15 -33.23 4.63 17.72
N ALA D 16 -33.37 3.36 18.08
CA ALA D 16 -32.90 2.19 17.30
C ALA D 16 -33.33 2.31 15.84
N GLY D 17 -32.43 1.95 14.93
CA GLY D 17 -32.73 1.98 13.49
C GLY D 17 -32.54 3.35 12.86
N GLY D 18 -32.15 4.36 13.64
CA GLY D 18 -31.93 5.70 13.10
C GLY D 18 -30.54 5.93 12.52
N SER D 19 -30.29 7.15 12.04
CA SER D 19 -28.98 7.53 11.43
C SER D 19 -28.51 8.83 12.07
N LEU D 20 -27.31 8.86 12.62
CA LEU D 20 -26.71 10.05 13.30
C LEU D 20 -25.33 10.37 12.72
N LYS D 21 -25.00 11.66 12.58
CA LYS D 21 -23.70 12.12 12.03
C LYS D 21 -22.85 12.78 13.13
N LEU D 22 -21.69 12.21 13.43
CA LEU D 22 -20.68 12.79 14.35
C LEU D 22 -19.67 13.58 13.53
N SER D 23 -19.20 14.69 14.08
CA SER D 23 -18.16 15.53 13.45
C SER D 23 -17.03 15.68 14.46
N CYS D 24 -15.80 15.67 13.94
CA CYS D 24 -14.58 15.94 14.70
C CYS D 24 -13.81 17.04 13.95
N THR D 25 -13.86 18.27 14.44
CA THR D 25 -13.06 19.42 13.93
C THR D 25 -11.66 19.35 14.54
N ALA D 26 -10.63 19.31 13.70
CA ALA D 26 -9.22 19.28 14.15
C ALA D 26 -8.60 20.66 13.92
N SER D 27 -7.80 21.14 14.86
CA SER D 27 -6.88 22.31 14.67
C SER D 27 -5.47 21.90 15.08
N GLY D 28 -4.48 22.60 14.54
CA GLY D 28 -3.05 22.37 14.83
C GLY D 28 -2.53 21.08 14.21
N LEU D 29 -3.33 20.41 13.38
CA LEU D 29 -2.85 19.30 12.53
C LEU D 29 -3.71 19.25 11.27
N ARG D 30 -3.18 18.63 10.23
CA ARG D 30 -3.96 18.46 8.99
C ARG D 30 -4.50 17.02 8.97
N VAL D 31 -5.79 16.87 8.72
CA VAL D 31 -6.44 15.53 8.69
C VAL D 31 -5.77 14.69 7.57
N ASP D 32 -5.23 15.31 6.52
CA ASP D 32 -4.66 14.58 5.37
C ASP D 32 -3.21 14.13 5.62
N THR D 33 -2.60 14.46 6.77
CA THR D 33 -1.23 14.03 7.13
C THR D 33 -1.27 13.03 8.29
N HIS D 34 -2.43 12.77 8.88
CA HIS D 34 -2.56 11.89 10.07
C HIS D 34 -3.46 10.69 9.76
N GLY D 35 -3.20 9.58 10.45
CA GLY D 35 -4.25 8.56 10.67
C GLY D 35 -5.29 9.17 11.59
N MET D 36 -6.56 9.07 11.22
CA MET D 36 -7.70 9.67 11.95
C MET D 36 -8.68 8.54 12.21
N GLY D 37 -9.36 8.56 13.34
CA GLY D 37 -10.25 7.44 13.66
C GLY D 37 -11.26 7.79 14.72
N TRP D 38 -12.14 6.84 15.00
CA TRP D 38 -13.18 6.95 16.04
C TRP D 38 -13.04 5.74 16.96
N PHE D 39 -13.11 5.98 18.26
CA PHE D 39 -13.08 4.95 19.33
C PHE D 39 -14.35 5.18 20.16
N ARG D 40 -14.77 4.17 20.89
CA ARG D 40 -15.93 4.29 21.80
C ARG D 40 -15.60 3.55 23.10
N GLN D 41 -16.19 4.05 24.19
CA GLN D 41 -16.05 3.47 25.54
C GLN D 41 -17.45 3.31 26.13
N ILE D 42 -17.84 2.05 26.41
CA ILE D 42 -19.18 1.61 26.92
C ILE D 42 -19.15 1.55 28.45
N ARG D 44 -17.09 3.26 31.31
CA ARG D 44 -15.68 3.21 31.80
C ARG D 44 -15.07 1.82 31.52
N LYS D 45 -15.73 1.02 30.67
CA LYS D 45 -15.14 -0.27 30.24
C LYS D 45 -13.93 -0.02 29.32
N LYS D 46 -13.51 -1.05 28.59
CA LYS D 46 -12.36 -0.97 27.66
C LYS D 46 -12.74 -0.09 26.45
N ARG D 47 -11.84 0.79 26.03
CA ARG D 47 -12.01 1.62 24.82
CA ARG D 47 -12.02 1.62 24.81
C ARG D 47 -11.82 0.72 23.59
N GLU D 48 -12.77 0.74 22.65
CA GLU D 48 -12.68 -0.13 21.45
C GLU D 48 -12.70 0.74 20.19
N PHE D 49 -11.90 0.29 19.23
CA PHE D 49 -11.77 0.88 17.88
C PHE D 49 -13.14 0.83 17.21
N VAL D 50 -13.52 1.90 16.52
CA VAL D 50 -14.80 1.93 15.77
C VAL D 50 -14.49 2.01 14.27
N ALA D 51 -13.62 2.93 13.87
CA ALA D 51 -13.37 3.24 12.44
C ALA D 51 -12.09 4.05 12.32
N SER D 52 -11.37 3.87 11.21
CA SER D 52 -10.11 4.58 10.93
C SER D 52 -10.01 4.90 9.44
N ILE D 53 -9.37 6.01 9.09
CA ILE D 53 -8.97 6.34 7.70
C ILE D 53 -7.49 6.73 7.74
N ASP D 54 -6.67 6.20 6.83
CA ASP D 54 -5.21 6.48 6.79
C ASP D 54 -5.00 7.87 6.16
N TRP D 55 -3.78 8.39 6.27
CA TRP D 55 -3.40 9.72 5.75
C TRP D 55 -3.86 9.86 4.28
N GLU D 56 -3.64 8.81 3.49
CA GLU D 56 -3.90 8.85 2.02
C GLU D 56 -5.40 8.90 1.77
N GLY D 57 -6.20 8.47 2.75
CA GLY D 57 -7.67 8.62 2.70
C GLY D 57 -8.26 7.54 1.83
N GLU D 58 -7.47 6.49 1.58
CA GLU D 58 -7.87 5.37 0.70
C GLU D 58 -8.21 4.15 1.55
N SER D 59 -7.46 3.92 2.63
CA SER D 59 -7.61 2.73 3.50
C SER D 59 -8.52 3.06 4.70
N THR D 60 -9.78 2.56 4.68
CA THR D 60 -10.74 2.69 5.82
C THR D 60 -10.91 1.31 6.47
N ASN D 61 -11.01 1.27 7.80
CA ASN D 61 -11.15 0.04 8.62
C ASN D 61 -12.27 0.26 9.65
N TYR D 62 -13.00 -0.79 10.00
CA TYR D 62 -14.18 -0.70 10.88
C TYR D 62 -14.13 -1.84 11.88
N LEU D 63 -14.64 -1.61 13.09
CA LEU D 63 -14.99 -2.71 14.02
C LEU D 63 -15.98 -3.60 13.29
N ASP D 64 -15.83 -4.92 13.39
CA ASP D 64 -16.73 -5.87 12.67
C ASP D 64 -18.20 -5.51 12.96
N SER D 65 -18.55 -5.22 14.22
CA SER D 65 -19.95 -5.04 14.68
C SER D 65 -20.58 -3.80 14.02
N VAL D 66 -19.79 -2.83 13.54
CA VAL D 66 -20.32 -1.57 12.94
C VAL D 66 -20.16 -1.61 11.42
N LYS D 67 -19.36 -2.54 10.90
CA LYS D 67 -19.02 -2.60 9.45
C LYS D 67 -20.32 -2.78 8.67
N GLY D 68 -20.62 -1.90 7.73
CA GLY D 68 -21.84 -1.94 6.89
C GLY D 68 -22.87 -0.94 7.36
N ARG D 69 -22.77 -0.51 8.62
CA ARG D 69 -23.71 0.47 9.19
C ARG D 69 -22.99 1.83 9.33
N PHE D 70 -21.77 1.80 9.85
CA PHE D 70 -21.02 3.07 10.05
C PHE D 70 -20.13 3.38 8.84
N ILE D 71 -19.92 4.66 8.55
CA ILE D 71 -19.02 5.13 7.46
C ILE D 71 -18.21 6.31 7.98
N ILE D 72 -16.88 6.17 7.93
CA ILE D 72 -15.94 7.24 8.31
C ILE D 72 -15.58 7.97 7.02
N SER D 73 -15.52 9.29 7.06
CA SER D 73 -15.15 10.15 5.90
C SER D 73 -14.41 11.36 6.45
N ARG D 74 -13.71 12.10 5.60
CA ARG D 74 -13.08 13.38 6.04
C ARG D 74 -13.20 14.41 4.92
N ASP D 75 -13.34 15.66 5.32
CA ASP D 75 -13.37 16.83 4.40
C ASP D 75 -12.08 17.59 4.66
N ASP D 76 -11.13 17.48 3.73
CA ASP D 76 -9.75 18.03 3.85
C ASP D 76 -9.84 19.55 4.00
N ALA D 77 -10.72 20.19 3.23
CA ALA D 77 -10.90 21.67 3.20
C ALA D 77 -11.30 22.18 4.59
N LYS D 78 -12.27 21.52 5.24
CA LYS D 78 -12.78 21.90 6.58
C LYS D 78 -11.91 21.26 7.67
N ASN D 79 -10.99 20.37 7.30
CA ASN D 79 -10.11 19.75 8.31
C ASN D 79 -11.01 19.04 9.33
N THR D 80 -11.98 18.25 8.86
CA THR D 80 -13.03 17.67 9.74
C THR D 80 -13.19 16.20 9.40
N LEU D 81 -13.26 15.37 10.45
CA LEU D 81 -13.55 13.93 10.30
C LEU D 81 -15.02 13.71 10.67
N TYR D 82 -15.67 12.80 9.97
CA TYR D 82 -17.10 12.44 10.18
C TYR D 82 -17.23 10.94 10.46
N LEU D 83 -18.30 10.58 11.16
CA LEU D 83 -18.75 9.19 11.33
C LEU D 83 -20.26 9.20 11.10
N GLN D 84 -20.69 8.61 10.00
CA GLN D 84 -22.15 8.44 9.75
C GLN D 84 -22.55 7.13 10.41
N MET D 85 -23.38 7.22 11.43
CA MET D 85 -23.80 6.05 12.22
C MET D 85 -25.20 5.67 11.77
N ASN D 86 -25.27 4.74 10.84
CA ASN D 86 -26.57 4.29 10.29
C ASN D 86 -27.04 3.03 11.02
N SER D 87 -28.31 2.69 10.84
CA SER D 87 -28.86 1.44 11.45
C SER D 87 -28.42 1.34 12.91
N LEU D 88 -28.61 2.43 13.67
CA LEU D 88 -28.20 2.46 15.11
C LEU D 88 -28.83 1.30 15.89
N LYS D 89 -28.05 0.71 16.80
CA LYS D 89 -28.55 -0.39 17.68
C LYS D 89 -28.32 0.04 19.12
N PRO D 90 -29.13 -0.46 20.09
CA PRO D 90 -28.95 -0.13 21.49
C PRO D 90 -27.48 -0.28 21.92
N GLU D 91 -26.81 -1.32 21.44
CA GLU D 91 -25.43 -1.70 21.83
C GLU D 91 -24.42 -0.66 21.32
N ASP D 92 -24.82 0.24 20.42
CA ASP D 92 -23.90 1.33 19.96
C ASP D 92 -23.81 2.40 21.04
N THR D 93 -24.60 2.30 22.12
CA THR D 93 -24.62 3.34 23.20
C THR D 93 -23.22 3.44 23.80
N ALA D 94 -22.66 4.66 23.91
CA ALA D 94 -21.26 4.86 24.33
C ALA D 94 -20.82 6.31 24.17
N VAL D 95 -19.68 6.64 24.78
CA VAL D 95 -18.89 7.87 24.48
C VAL D 95 -17.99 7.58 23.26
N TYR D 96 -18.15 8.38 22.20
CA TYR D 96 -17.39 8.32 20.93
C TYR D 96 -16.31 9.42 20.95
N TYR D 97 -15.05 9.01 20.85
CA TYR D 97 -13.87 9.90 20.79
C TYR D 97 -13.30 9.90 19.38
N CYS D 98 -12.92 11.05 18.82
CA CYS D 98 -12.01 11.01 17.64
C CYS D 98 -10.56 11.01 18.12
N ALA D 99 -9.69 10.43 17.30
CA ALA D 99 -8.26 10.24 17.60
C ALA D 99 -7.44 10.54 16.34
N ALA D 100 -6.18 10.92 16.49
CA ALA D 100 -5.28 11.17 15.35
C ALA D 100 -3.89 10.65 15.70
N ASP D 101 -3.10 10.24 14.71
CA ASP D 101 -1.70 9.82 14.90
C ASP D 101 -0.81 10.35 13.77
N ARG D 102 0.30 11.00 14.15
CA ARG D 102 1.33 11.57 13.24
C ARG D 102 1.91 10.51 12.28
N SER D 103 1.85 9.23 12.65
CA SER D 103 2.35 8.11 11.81
C SER D 103 1.64 8.07 10.45
N GLY D 104 0.43 8.61 10.32
CA GLY D 104 -0.40 8.50 9.10
C GLY D 104 -1.41 7.37 9.20
N ARG D 105 -1.33 6.53 10.25
CA ARG D 105 -2.23 5.38 10.48
C ARG D 105 -2.54 5.30 11.98
N ILE D 106 -3.82 5.18 12.30
CA ILE D 106 -4.33 4.90 13.66
C ILE D 106 -3.65 3.61 14.19
N ARG D 107 -3.23 3.64 15.44
CA ARG D 107 -2.52 2.51 16.09
C ARG D 107 -3.55 1.45 16.51
N SER D 108 -3.13 0.18 16.42
CA SER D 108 -3.86 -1.05 16.85
C SER D 108 -4.53 -0.82 18.21
N VAL D 109 -3.71 -0.60 19.26
CA VAL D 109 -4.22 -0.37 20.64
C VAL D 109 -4.68 1.09 20.76
N VAL D 110 -5.91 1.27 21.20
CA VAL D 110 -6.55 2.60 21.44
C VAL D 110 -5.49 3.52 22.04
N SER D 111 -4.88 3.09 23.14
CA SER D 111 -3.93 3.87 23.99
C SER D 111 -2.69 4.30 23.18
N ASN D 112 -2.36 3.63 22.09
CA ASN D 112 -1.09 3.85 21.36
C ASN D 112 -1.15 5.15 20.52
N ASN D 113 -2.31 5.81 20.39
CA ASN D 113 -2.48 6.97 19.46
C ASN D 113 -2.07 8.30 20.12
N ASP D 114 -1.48 9.20 19.32
CA ASP D 114 -0.91 10.51 19.75
C ASP D 114 -1.98 11.40 20.40
N TYR D 115 -3.16 11.58 19.78
CA TYR D 115 -4.16 12.61 20.19
C TYR D 115 -5.55 12.01 20.36
N TRP D 116 -6.30 12.59 21.29
CA TRP D 116 -7.67 12.19 21.66
C TRP D 116 -8.56 13.43 21.79
N GLY D 117 -9.81 13.31 21.35
CA GLY D 117 -10.86 14.27 21.70
C GLY D 117 -11.36 14.06 23.12
N GLN D 118 -12.31 14.86 23.57
CA GLN D 118 -12.89 14.77 24.94
C GLN D 118 -14.05 13.77 24.94
N GLY D 119 -14.62 13.46 23.77
CA GLY D 119 -15.69 12.47 23.62
C GLY D 119 -17.05 13.14 23.46
N THR D 120 -17.99 12.41 22.87
CA THR D 120 -19.40 12.85 22.69
C THR D 120 -20.26 11.62 22.97
N GLN D 121 -21.30 11.76 23.80
CA GLN D 121 -22.19 10.62 24.18
C GLN D 121 -23.15 10.33 23.03
N VAL D 122 -23.28 9.07 22.65
CA VAL D 122 -24.37 8.65 21.72
C VAL D 122 -25.17 7.59 22.46
N THR D 123 -26.46 7.80 22.62
CA THR D 123 -27.33 6.84 23.35
C THR D 123 -28.47 6.44 22.43
N VAL D 124 -28.61 5.14 22.27
CA VAL D 124 -29.59 4.55 21.34
C VAL D 124 -30.61 3.80 22.18
N SER D 125 -31.86 4.28 22.16
CA SER D 125 -33.05 3.69 22.84
C SER D 125 -33.74 2.71 21.89
N SER D 126 -34.66 1.90 22.43
CA SER D 126 -35.64 1.10 21.65
C SER D 126 -36.87 1.98 21.36
S SO4 E . -4.51 -1.53 5.73
O1 SO4 E . -4.38 -0.26 5.09
O2 SO4 E . -3.61 -2.47 5.12
O3 SO4 E . -4.18 -1.39 7.13
O4 SO4 E . -5.86 -2.00 5.60
S SO4 F . -16.67 -0.32 -2.90
O1 SO4 F . -15.27 -0.68 -2.82
O2 SO4 F . -17.45 -1.43 -3.39
O3 SO4 F . -16.84 0.82 -3.80
O4 SO4 F . -17.13 0.05 -1.58
S SO4 G . 0.69 18.72 10.02
O1 SO4 G . 1.36 18.37 8.82
O2 SO4 G . 1.48 18.28 11.14
O3 SO4 G . 0.53 20.13 10.07
O4 SO4 G . -0.59 18.09 10.07
S SO4 H . 13.92 1.81 -11.37
O1 SO4 H . 15.31 2.09 -11.71
O2 SO4 H . 13.79 0.42 -11.17
O3 SO4 H . 13.58 2.55 -10.20
O4 SO4 H . 13.05 2.23 -12.44
S SO4 I . 6.93 4.54 -30.27
O1 SO4 I . 8.08 4.75 -31.09
O2 SO4 I . 6.78 3.14 -30.01
O3 SO4 I . 7.14 5.24 -29.02
O4 SO4 I . 5.75 5.02 -30.91
S SO4 J . 2.70 3.95 -4.66
O1 SO4 J . 1.77 3.11 -5.37
O2 SO4 J . 4.05 3.54 -4.96
O3 SO4 J . 2.46 3.83 -3.25
O4 SO4 J . 2.49 5.32 -5.06
S SO4 K . 20.38 -21.69 -10.20
O1 SO4 K . 21.55 -21.54 -10.99
O2 SO4 K . 20.30 -23.01 -9.67
O3 SO4 K . 20.38 -20.75 -9.12
O4 SO4 K . 19.24 -21.46 -11.04
S SO4 L . 3.81 -5.29 -2.28
O1 SO4 L . 5.07 -4.54 -2.39
O2 SO4 L . 3.99 -6.68 -2.58
O3 SO4 L . 2.86 -4.72 -3.22
O4 SO4 L . 3.32 -5.22 -0.93
S SO4 M . 11.85 -3.51 -10.07
O1 SO4 M . 11.40 -3.77 -11.39
O2 SO4 M . 13.26 -3.34 -10.09
O3 SO4 M . 11.50 -4.65 -9.26
O4 SO4 M . 11.25 -2.33 -9.54
S SO4 N . 12.03 -4.47 28.30
O1 SO4 N . 12.11 -3.38 27.36
O2 SO4 N . 12.75 -5.58 27.79
O3 SO4 N . 12.62 -4.08 29.53
O4 SO4 N . 10.66 -4.82 28.49
#